data_8IQM
#
_entry.id   8IQM
#
_cell.length_a   45.465
_cell.length_b   56.294
_cell.length_c   62.673
_cell.angle_alpha   90.00
_cell.angle_beta   90.00
_cell.angle_gamma   90.00
#
_symmetry.space_group_name_H-M   'P 21 21 21'
#
loop_
_entity.id
_entity.type
_entity.pdbx_description
1 polymer 'Induced myeloid leukemia cell differentiation protein Mcl-1'
2 polymer 'Bcl2 modifying factor'
3 water water
#
loop_
_entity_poly.entity_id
_entity_poly.type
_entity_poly.pdbx_seq_one_letter_code
_entity_poly.pdbx_strand_id
1 'polypeptide(L)'
;EDELYRQSLEIISRYLREQATGAKDTKPMGRSGATSRKALETLRRVGDGVQRNHETAFQGMLRKLDIKNEDDVKSLSRVM
IHVFSDGVTNWGRIVTLISFGAFVAKHLKTINQESCIEPLAESITDVLVRTKRDWLVKQRGWDGFVEFFHVEDLEGG
;
A
2 'polypeptide(L)' EVQIARKLQCIADQFHRLHVQ B
#
# COMPACT_ATOMS: atom_id res chain seq x y z
N GLU A 1 20.00 4.28 9.30
CA GLU A 1 20.72 5.12 8.35
C GLU A 1 19.77 5.74 7.33
N ASP A 2 18.61 5.10 7.16
CA ASP A 2 17.60 5.58 6.24
C ASP A 2 16.28 5.78 6.99
N GLU A 3 16.06 7.01 7.45
CA GLU A 3 14.89 7.31 8.28
C GLU A 3 13.57 7.26 7.51
N LEU A 4 13.60 7.69 6.25
CA LEU A 4 12.40 7.67 5.43
C LEU A 4 11.96 6.25 5.13
N TYR A 5 12.92 5.36 4.91
CA TYR A 5 12.60 3.95 4.70
C TYR A 5 12.01 3.35 5.97
N ARG A 6 12.65 3.61 7.09
CA ARG A 6 12.22 3.07 8.38
C ARG A 6 10.80 3.50 8.72
N GLN A 7 10.52 4.78 8.56
CA GLN A 7 9.20 5.30 8.87
C GLN A 7 8.13 4.73 7.94
N SER A 8 8.46 4.68 6.65
CA SER A 8 7.53 4.15 5.66
C SER A 8 7.21 2.68 5.92
N LEU A 9 8.24 1.91 6.27
CA LEU A 9 8.06 0.50 6.58
C LEU A 9 7.20 0.34 7.84
N GLU A 10 7.46 1.18 8.84
CA GLU A 10 6.70 1.12 10.08
C GLU A 10 5.21 1.35 9.84
N ILE A 11 4.90 2.36 9.03
CA ILE A 11 3.51 2.68 8.71
C ILE A 11 2.83 1.57 7.91
N ILE A 12 3.50 1.11 6.85
CA ILE A 12 2.93 0.12 5.95
C ILE A 12 2.84 -1.27 6.60
N SER A 13 3.88 -1.66 7.34
CA SER A 13 3.88 -2.96 8.00
C SER A 13 2.80 -3.02 9.08
N ARG A 14 2.63 -1.93 9.82
CA ARG A 14 1.61 -1.88 10.88
C ARG A 14 0.22 -1.98 10.29
N TYR A 15 -0.03 -1.25 9.21
CA TYR A 15 -1.34 -1.26 8.57
C TYR A 15 -1.66 -2.65 8.01
N LEU A 16 -0.70 -3.24 7.33
CA LEU A 16 -0.89 -4.57 6.75
C LEU A 16 -1.12 -5.64 7.82
N ARG A 17 -0.41 -5.52 8.94
CA ARG A 17 -0.49 -6.52 9.99
C ARG A 17 -1.79 -6.41 10.79
N GLU A 18 -2.27 -5.18 11.02
CA GLU A 18 -3.48 -5.00 11.80
C GLU A 18 -4.71 -5.32 10.95
N GLN A 19 -4.60 -5.12 9.64
CA GLN A 19 -5.65 -5.53 8.71
C GLN A 19 -5.76 -7.03 8.71
N ALA A 20 -4.62 -7.70 8.77
CA ALA A 20 -4.57 -9.16 8.78
C ALA A 20 -5.08 -9.74 10.09
N THR A 21 -4.58 -9.21 11.21
CA THR A 21 -4.89 -9.77 12.52
C THR A 21 -6.17 -9.22 13.14
N GLY A 22 -6.54 -8.00 12.78
CA GLY A 22 -7.75 -7.38 13.31
C GLY A 22 -7.50 -6.67 14.62
N ALA A 23 -6.24 -6.63 15.05
CA ALA A 23 -5.87 -5.93 16.27
C ALA A 23 -4.69 -4.99 15.99
N LYS A 24 -4.71 -3.82 16.63
CA LYS A 24 -3.63 -2.85 16.45
C LYS A 24 -2.40 -3.28 17.22
N ASP A 25 -1.26 -2.68 16.91
CA ASP A 25 0.00 -3.07 17.54
C ASP A 25 0.34 -2.17 18.72
N THR A 26 0.90 -2.76 19.76
CA THR A 26 1.19 -2.04 21.00
C THR A 26 2.60 -1.42 21.00
N LYS A 27 3.57 -2.20 20.53
CA LYS A 27 4.96 -1.78 20.52
C LYS A 27 5.17 -0.54 19.65
N SER A 32 9.34 10.23 15.64
CA SER A 32 8.53 10.33 14.43
C SER A 32 7.12 9.81 14.67
N GLY A 33 6.77 9.63 15.93
CA GLY A 33 5.49 9.05 16.30
C GLY A 33 4.28 9.87 15.88
N ALA A 34 4.42 11.19 15.91
CA ALA A 34 3.30 12.08 15.57
C ALA A 34 2.85 11.90 14.12
N THR A 35 3.78 12.07 13.19
CA THR A 35 3.49 11.95 11.76
C THR A 35 3.01 10.54 11.41
N SER A 36 3.70 9.53 11.94
CA SER A 36 3.35 8.14 11.67
C SER A 36 1.97 7.79 12.18
N ARG A 37 1.62 8.31 13.36
CA ARG A 37 0.30 8.08 13.94
C ARG A 37 -0.80 8.58 13.01
N LYS A 38 -0.71 9.84 12.62
CA LYS A 38 -1.71 10.47 11.76
C LYS A 38 -1.78 9.78 10.39
N ALA A 39 -0.63 9.37 9.87
CA ALA A 39 -0.59 8.68 8.58
C ALA A 39 -1.33 7.35 8.65
N LEU A 40 -1.16 6.66 9.77
CA LEU A 40 -1.79 5.36 9.97
C LEU A 40 -3.31 5.49 10.07
N GLU A 41 -3.75 6.51 10.77
CA GLU A 41 -5.15 6.81 10.92
C GLU A 41 -5.72 7.14 9.55
N THR A 42 -5.02 7.96 8.81
CA THR A 42 -5.40 8.34 7.46
C THR A 42 -5.49 7.12 6.56
N LEU A 43 -4.48 6.27 6.66
CA LEU A 43 -4.41 5.03 5.88
C LEU A 43 -5.58 4.12 6.19
N ARG A 44 -5.95 4.03 7.46
CA ARG A 44 -7.11 3.24 7.87
C ARG A 44 -8.38 3.75 7.21
N ARG A 45 -8.59 5.06 7.28
CA ARG A 45 -9.78 5.67 6.68
C ARG A 45 -9.81 5.47 5.17
N VAL A 46 -8.74 5.89 4.49
CA VAL A 46 -8.70 5.87 3.04
C VAL A 46 -8.49 4.46 2.47
N GLY A 47 -7.58 3.70 3.07
CA GLY A 47 -7.25 2.38 2.59
C GLY A 47 -8.40 1.38 2.71
N ASP A 48 -9.15 1.46 3.81
CA ASP A 48 -10.31 0.59 4.00
C ASP A 48 -11.36 0.90 2.94
N GLY A 49 -11.48 2.17 2.57
CA GLY A 49 -12.43 2.60 1.57
C GLY A 49 -12.13 2.01 0.20
N VAL A 50 -10.85 2.02 -0.17
CA VAL A 50 -10.41 1.45 -1.44
C VAL A 50 -10.73 -0.05 -1.50
N GLN A 51 -10.45 -0.75 -0.40
CA GLN A 51 -10.69 -2.18 -0.35
C GLN A 51 -12.18 -2.51 -0.42
N ARG A 52 -13.01 -1.67 0.19
CA ARG A 52 -14.45 -1.86 0.12
C ARG A 52 -14.98 -1.67 -1.30
N ASN A 53 -14.65 -0.52 -1.88
CA ASN A 53 -15.15 -0.16 -3.21
C ASN A 53 -14.68 -1.09 -4.32
N HIS A 54 -13.48 -1.65 -4.15
CA HIS A 54 -12.87 -2.44 -5.22
C HIS A 54 -12.55 -3.86 -4.78
N GLU A 55 -13.36 -4.39 -3.86
CA GLU A 55 -13.16 -5.74 -3.33
C GLU A 55 -13.21 -6.80 -4.42
N THR A 56 -14.14 -6.65 -5.35
CA THR A 56 -14.33 -7.63 -6.43
C THR A 56 -13.11 -7.66 -7.35
N ALA A 57 -12.64 -6.49 -7.76
CA ALA A 57 -11.47 -6.38 -8.62
C ALA A 57 -10.22 -6.90 -7.89
N PHE A 58 -10.09 -6.55 -6.61
CA PHE A 58 -8.97 -7.00 -5.80
C PHE A 58 -8.93 -8.52 -5.71
N GLN A 59 -10.10 -9.13 -5.60
CA GLN A 59 -10.20 -10.58 -5.55
C GLN A 59 -9.69 -11.21 -6.85
N GLY A 60 -10.12 -10.65 -7.98
CA GLY A 60 -9.71 -11.15 -9.28
C GLY A 60 -8.21 -11.05 -9.50
N MET A 61 -7.64 -9.95 -9.04
CA MET A 61 -6.25 -9.69 -9.19
C MET A 61 -5.43 -10.65 -8.35
N LEU A 62 -5.91 -10.91 -7.17
CA LEU A 62 -5.25 -11.81 -6.26
C LEU A 62 -5.18 -13.20 -6.87
N ARG A 63 -6.29 -13.69 -7.36
CA ARG A 63 -6.33 -14.99 -7.98
C ARG A 63 -5.35 -15.09 -9.14
N LYS A 64 -5.27 -14.09 -9.99
CA LYS A 64 -4.33 -14.12 -11.09
C LYS A 64 -2.87 -14.12 -10.64
N LEU A 65 -2.58 -13.51 -9.52
CA LEU A 65 -1.26 -13.46 -8.98
C LEU A 65 -0.88 -14.83 -8.44
N ASP A 66 -1.81 -15.51 -7.75
CA ASP A 66 -1.55 -16.83 -7.19
C ASP A 66 -0.44 -16.79 -6.13
N ILE A 67 -0.67 -16.09 -5.04
CA ILE A 67 0.34 -15.96 -4.04
C ILE A 67 0.24 -17.09 -3.05
N LYS A 68 1.26 -17.93 -2.99
CA LYS A 68 1.23 -19.03 -2.05
C LYS A 68 2.38 -18.98 -1.03
N ASN A 69 3.45 -18.30 -1.37
CA ASN A 69 4.63 -18.18 -0.52
C ASN A 69 5.53 -16.98 -0.77
N GLU A 70 6.64 -16.93 -0.05
CA GLU A 70 7.46 -15.72 -0.05
C GLU A 70 7.99 -15.37 -1.45
N ASP A 71 8.26 -16.38 -2.27
CA ASP A 71 8.81 -16.12 -3.60
C ASP A 71 7.76 -15.50 -4.53
N ASP A 72 6.50 -15.71 -4.21
CA ASP A 72 5.40 -15.15 -4.96
C ASP A 72 5.38 -13.63 -4.78
N VAL A 73 5.95 -13.18 -3.69
CA VAL A 73 6.05 -11.77 -3.39
C VAL A 73 6.80 -10.99 -4.47
N LYS A 74 7.82 -11.57 -5.07
CA LYS A 74 8.51 -10.91 -6.16
C LYS A 74 7.52 -10.62 -7.29
N SER A 75 6.55 -11.49 -7.50
CA SER A 75 5.65 -11.21 -8.63
C SER A 75 4.82 -9.95 -8.40
N LEU A 76 4.54 -9.62 -7.14
CA LEU A 76 3.83 -8.41 -6.82
C LEU A 76 4.78 -7.21 -6.93
N SER A 77 6.04 -7.44 -6.61
CA SER A 77 7.06 -6.41 -6.73
C SER A 77 7.20 -5.93 -8.17
N ARG A 78 7.15 -6.88 -9.10
CA ARG A 78 7.25 -6.56 -10.52
C ARG A 78 5.98 -5.84 -10.99
N VAL A 79 4.84 -6.26 -10.46
CA VAL A 79 3.57 -5.63 -10.79
C VAL A 79 3.53 -4.18 -10.33
N MET A 80 4.03 -3.94 -9.12
CA MET A 80 4.00 -2.61 -8.52
C MET A 80 4.91 -1.63 -9.25
N ILE A 81 6.08 -2.09 -9.67
CA ILE A 81 6.99 -1.26 -10.47
C ILE A 81 6.30 -0.85 -11.76
N HIS A 82 5.61 -1.81 -12.38
CA HIS A 82 4.92 -1.59 -13.64
C HIS A 82 3.86 -0.49 -13.53
N VAL A 83 3.27 -0.35 -12.35
CA VAL A 83 2.26 0.67 -12.10
C VAL A 83 2.80 2.08 -12.36
N PHE A 84 4.06 2.29 -12.00
CA PHE A 84 4.68 3.61 -12.15
C PHE A 84 5.52 3.72 -13.41
N SER A 85 5.42 2.74 -14.29
CA SER A 85 6.24 2.69 -15.49
C SER A 85 5.92 3.82 -16.47
N ASP A 86 4.77 4.45 -16.30
CA ASP A 86 4.36 5.54 -17.18
C ASP A 86 4.94 6.87 -16.73
N GLY A 87 5.76 6.84 -15.67
CA GLY A 87 6.42 8.04 -15.18
C GLY A 87 5.55 8.91 -14.29
N VAL A 88 4.38 8.38 -13.91
CA VAL A 88 3.46 9.14 -13.08
C VAL A 88 3.41 8.62 -11.65
N THR A 89 3.57 9.53 -10.70
CA THR A 89 3.46 9.19 -9.29
C THR A 89 2.52 10.14 -8.57
N ASN A 90 1.58 9.59 -7.81
CA ASN A 90 0.68 10.38 -6.98
C ASN A 90 0.21 9.57 -5.79
N TRP A 91 -0.43 10.23 -4.83
CA TRP A 91 -0.87 9.56 -3.61
C TRP A 91 -1.94 8.54 -3.88
N GLY A 92 -2.74 8.76 -4.93
CA GLY A 92 -3.79 7.83 -5.30
C GLY A 92 -3.24 6.46 -5.65
N ARG A 93 -2.17 6.44 -6.44
CA ARG A 93 -1.53 5.18 -6.82
C ARG A 93 -0.87 4.52 -5.62
N ILE A 94 -0.30 5.34 -4.75
CA ILE A 94 0.41 4.83 -3.58
C ILE A 94 -0.57 4.19 -2.58
N VAL A 95 -1.68 4.86 -2.32
N VAL A 95 -1.67 4.87 -2.30
CA VAL A 95 -2.64 4.33 -1.36
CA VAL A 95 -2.64 4.31 -1.36
C VAL A 95 -3.40 3.14 -1.94
C VAL A 95 -3.29 3.06 -1.94
N THR A 96 -3.41 3.03 -3.27
CA THR A 96 -4.06 1.91 -3.94
C THR A 96 -3.18 0.67 -3.81
N LEU A 97 -1.88 0.87 -3.96
CA LEU A 97 -0.92 -0.22 -3.81
C LEU A 97 -0.87 -0.72 -2.38
N ILE A 98 -0.89 0.22 -1.43
CA ILE A 98 -0.85 -0.15 -0.01
C ILE A 98 -2.15 -0.88 0.37
N SER A 99 -3.26 -0.44 -0.22
CA SER A 99 -4.55 -1.06 0.03
C SER A 99 -4.61 -2.49 -0.53
N PHE A 100 -4.09 -2.67 -1.73
CA PHE A 100 -4.03 -4.01 -2.32
C PHE A 100 -3.07 -4.87 -1.52
N GLY A 101 -2.06 -4.24 -0.93
CA GLY A 101 -1.12 -4.94 -0.08
C GLY A 101 -1.79 -5.46 1.19
N ALA A 102 -2.67 -4.65 1.77
CA ALA A 102 -3.44 -5.05 2.93
C ALA A 102 -4.37 -6.20 2.58
N PHE A 103 -4.94 -6.12 1.39
CA PHE A 103 -5.81 -7.17 0.87
C PHE A 103 -5.05 -8.48 0.75
N VAL A 104 -3.82 -8.41 0.25
CA VAL A 104 -2.96 -9.58 0.10
C VAL A 104 -2.55 -10.13 1.48
N ALA A 105 -2.29 -9.23 2.42
CA ALA A 105 -1.92 -9.61 3.77
C ALA A 105 -3.05 -10.42 4.43
N LYS A 106 -4.30 -10.02 4.18
CA LYS A 106 -5.45 -10.77 4.67
C LYS A 106 -5.44 -12.18 4.10
N HIS A 107 -5.12 -12.28 2.81
CA HIS A 107 -5.03 -13.56 2.13
C HIS A 107 -3.94 -14.45 2.72
N LEU A 108 -2.79 -13.84 3.04
CA LEU A 108 -1.67 -14.56 3.62
C LEU A 108 -2.04 -15.10 5.00
N LYS A 109 -2.87 -14.37 5.71
CA LYS A 109 -3.30 -14.77 7.04
C LYS A 109 -4.25 -15.95 6.96
N THR A 110 -5.09 -15.97 5.92
CA THR A 110 -6.07 -17.03 5.74
C THR A 110 -5.43 -18.34 5.28
N ILE A 111 -4.28 -18.25 4.62
CA ILE A 111 -3.60 -19.45 4.13
C ILE A 111 -2.41 -19.84 5.01
N ASN A 112 -2.43 -19.34 6.23
CA ASN A 112 -1.43 -19.67 7.19
C ASN A 112 -0.03 -19.29 6.77
N GLN A 113 0.15 -18.15 6.12
CA GLN A 113 1.48 -17.70 5.68
C GLN A 113 1.80 -16.36 6.32
N GLU A 114 1.35 -16.18 7.56
CA GLU A 114 1.47 -14.90 8.25
C GLU A 114 2.89 -14.35 8.25
N SER A 115 3.88 -15.24 8.18
CA SER A 115 5.28 -14.83 8.18
C SER A 115 5.67 -14.12 6.90
N CYS A 116 4.81 -14.18 5.89
CA CYS A 116 5.07 -13.55 4.60
C CYS A 116 4.63 -12.08 4.57
N ILE A 117 3.97 -11.63 5.63
CA ILE A 117 3.43 -10.28 5.67
C ILE A 117 4.54 -9.23 5.78
N GLU A 118 5.60 -9.52 6.52
CA GLU A 118 6.71 -8.58 6.62
C GLU A 118 7.45 -8.46 5.32
N PRO A 119 7.83 -9.56 4.70
CA PRO A 119 8.47 -9.37 3.39
C PRO A 119 7.57 -8.65 2.40
N LEU A 120 6.26 -8.83 2.53
CA LEU A 120 5.30 -8.12 1.70
C LEU A 120 5.39 -6.62 1.92
N ALA A 121 5.45 -6.22 3.18
CA ALA A 121 5.53 -4.80 3.53
C ALA A 121 6.85 -4.19 3.06
N GLU A 122 7.92 -4.98 3.11
CA GLU A 122 9.23 -4.51 2.70
C GLU A 122 9.32 -4.30 1.20
N SER A 123 8.66 -5.17 0.43
CA SER A 123 8.68 -5.06 -1.02
C SER A 123 7.87 -3.86 -1.47
N ILE A 124 6.76 -3.58 -0.79
CA ILE A 124 5.96 -2.40 -1.09
C ILE A 124 6.75 -1.14 -0.74
N THR A 125 7.39 -1.17 0.43
CA THR A 125 8.23 -0.06 0.87
C THR A 125 9.42 0.14 -0.06
N ASP A 126 9.95 -0.95 -0.61
CA ASP A 126 11.06 -0.89 -1.52
C ASP A 126 10.66 -0.15 -2.78
N VAL A 127 9.50 -0.45 -3.33
CA VAL A 127 9.08 0.22 -4.51
C VAL A 127 8.89 1.70 -4.30
N LEU A 128 8.18 2.09 -3.23
CA LEU A 128 7.97 3.53 -2.88
C LEU A 128 9.16 4.45 -2.39
N VAL A 129 9.96 3.98 -1.44
CA VAL A 129 11.12 4.62 -0.96
C VAL A 129 12.35 4.52 -1.87
N ARG A 130 12.63 3.34 -2.37
CA ARG A 130 13.77 3.14 -3.24
C ARG A 130 13.67 3.65 -4.64
N THR A 131 12.48 3.65 -5.21
CA THR A 131 12.32 4.17 -6.55
C THR A 131 11.60 5.49 -6.69
N LYS A 132 10.97 5.96 -5.65
CA LYS A 132 10.23 7.23 -5.68
C LYS A 132 10.60 8.17 -4.54
N ARG A 133 11.84 8.08 -4.08
CA ARG A 133 12.25 8.90 -2.96
C ARG A 133 12.20 10.39 -3.20
N ASP A 134 12.69 10.83 -4.34
CA ASP A 134 12.69 12.24 -4.69
C ASP A 134 11.30 12.85 -4.65
N TRP A 135 10.34 12.13 -5.23
CA TRP A 135 8.95 12.58 -5.22
C TRP A 135 8.40 12.63 -3.81
N LEU A 136 8.67 11.59 -3.02
CA LEU A 136 8.21 11.53 -1.63
C LEU A 136 8.76 12.68 -0.80
N VAL A 137 10.03 13.01 -1.00
CA VAL A 137 10.67 14.11 -0.29
C VAL A 137 10.03 15.44 -0.69
N LYS A 138 9.69 15.57 -1.96
CA LYS A 138 9.06 16.78 -2.46
C LYS A 138 7.68 17.00 -1.84
N GLN A 139 7.01 15.91 -1.50
CA GLN A 139 5.69 15.99 -0.87
C GLN A 139 5.80 16.14 0.64
N ARG A 140 7.03 16.34 1.12
CA ARG A 140 7.33 16.34 2.56
C ARG A 140 6.93 15.02 3.21
N GLY A 141 7.20 13.93 2.50
CA GLY A 141 6.99 12.58 3.02
C GLY A 141 5.58 12.27 3.48
N TRP A 142 5.48 11.70 4.67
CA TRP A 142 4.20 11.26 5.20
C TRP A 142 3.40 12.40 5.82
N ASP A 143 4.06 13.52 6.09
CA ASP A 143 3.37 14.73 6.51
C ASP A 143 2.48 15.24 5.37
N GLY A 144 2.99 15.15 4.15
CA GLY A 144 2.23 15.56 2.98
C GLY A 144 1.12 14.57 2.69
N PHE A 145 1.38 13.31 2.97
CA PHE A 145 0.37 12.26 2.85
C PHE A 145 -0.83 12.59 3.73
N VAL A 146 -0.56 12.96 4.97
CA VAL A 146 -1.60 13.31 5.93
C VAL A 146 -2.37 14.55 5.47
N GLU A 147 -1.64 15.55 4.98
CA GLU A 147 -2.26 16.80 4.54
C GLU A 147 -3.10 16.59 3.29
N PHE A 148 -2.60 15.75 2.37
CA PHE A 148 -3.30 15.51 1.11
C PHE A 148 -4.68 14.90 1.33
N PHE A 149 -4.81 14.06 2.35
CA PHE A 149 -6.06 13.33 2.60
C PHE A 149 -6.82 13.87 3.81
N HIS A 150 -6.46 15.05 4.29
CA HIS A 150 -7.15 15.63 5.43
C HIS A 150 -8.59 16.00 5.07
N VAL A 151 -9.52 15.61 5.92
CA VAL A 151 -10.94 15.94 5.73
C VAL A 151 -11.56 16.45 7.03
N GLN B 3 -4.64 -6.80 -17.52
CA GLN B 3 -3.39 -6.78 -16.77
C GLN B 3 -3.59 -6.18 -15.39
N ILE B 4 -2.81 -6.66 -14.42
CA ILE B 4 -2.96 -6.26 -13.03
C ILE B 4 -2.49 -4.82 -12.79
N ALA B 5 -1.33 -4.48 -13.34
CA ALA B 5 -0.77 -3.15 -13.17
C ALA B 5 -1.68 -2.07 -13.78
N ARG B 6 -2.28 -2.39 -14.93
CA ARG B 6 -3.17 -1.46 -15.61
C ARG B 6 -4.46 -1.29 -14.82
N LYS B 7 -4.93 -2.37 -14.19
CA LYS B 7 -6.14 -2.32 -13.39
C LYS B 7 -5.94 -1.48 -12.14
N LEU B 8 -4.80 -1.65 -11.49
CA LEU B 8 -4.45 -0.85 -10.32
C LEU B 8 -4.36 0.63 -10.69
N GLN B 9 -3.85 0.90 -11.88
CA GLN B 9 -3.78 2.27 -12.39
C GLN B 9 -5.20 2.83 -12.56
N CYS B 10 -6.08 2.03 -13.15
N CYS B 10 -6.08 2.03 -13.15
CA CYS B 10 -7.46 2.43 -13.36
CA CYS B 10 -7.46 2.41 -13.36
C CYS B 10 -8.18 2.69 -12.04
C CYS B 10 -8.17 2.70 -12.04
N ILE B 11 -7.94 1.82 -11.06
CA ILE B 11 -8.55 1.96 -9.74
C ILE B 11 -8.06 3.24 -9.06
N ALA B 12 -6.76 3.50 -9.16
CA ALA B 12 -6.17 4.72 -8.61
C ALA B 12 -6.80 5.96 -9.24
N ASP B 13 -7.15 5.86 -10.52
CA ASP B 13 -7.79 6.97 -11.23
C ASP B 13 -9.21 7.20 -10.74
N GLN B 14 -9.97 6.12 -10.55
CA GLN B 14 -11.33 6.20 -10.03
C GLN B 14 -11.31 6.81 -8.64
N PHE B 15 -10.34 6.38 -7.84
CA PHE B 15 -10.18 6.86 -6.48
C PHE B 15 -10.01 8.37 -6.41
N HIS B 16 -9.19 8.92 -7.30
CA HIS B 16 -8.96 10.36 -7.34
C HIS B 16 -10.21 11.13 -7.76
N ARG B 17 -10.85 10.68 -8.82
CA ARG B 17 -12.02 11.36 -9.37
C ARG B 17 -13.19 11.31 -8.39
N LEU B 18 -13.22 10.28 -7.55
CA LEU B 18 -14.27 10.14 -6.55
C LEU B 18 -14.03 11.06 -5.35
N HIS B 19 -12.76 11.39 -5.11
CA HIS B 19 -12.39 12.08 -3.89
C HIS B 19 -11.92 13.53 -4.10
N VAL B 20 -11.89 13.99 -5.34
CA VAL B 20 -11.49 15.37 -5.61
C VAL B 20 -12.62 16.32 -5.22
N GLN B 21 -12.27 17.43 -4.57
CA GLN B 21 -13.25 18.37 -4.07
C GLN B 21 -12.83 19.82 -4.31
#